data_9ECR
#
_entry.id   9ECR
#
_entity_poly.entity_id   1
_entity_poly.type   'polyribonucleotide'
_entity_poly.pdbx_seq_one_letter_code
;CUGGA(JMH)UUCUAAUCCAG
;
_entity_poly.pdbx_strand_id   A
#
loop_
_chem_comp.id
_chem_comp.type
_chem_comp.name
_chem_comp.formula
A RNA linking ADENOSINE-5'-MONOPHOSPHATE 'C10 H14 N5 O7 P'
C RNA linking CYTIDINE-5'-MONOPHOSPHATE 'C9 H14 N3 O8 P'
G RNA linking GUANOSINE-5'-MONOPHOSPHATE 'C10 H14 N5 O8 P'
JMH RNA linking '3-Methylcytidine- 5'-monophosphate' 'C10 H16 N3 O8 P'
U RNA linking URIDINE-5'-MONOPHOSPHATE 'C9 H13 N2 O9 P'
#
# COMPACT_ATOMS: atom_id res chain seq x y z
N1 JMH A 6 -0.24 0.53 -0.32
C2 JMH A 6 -1.46 1.08 -0.74
C5 JMH A 6 -0.15 -1.08 -2.06
C1' JMH A 6 0.37 1.15 0.88
C2' JMH A 6 -0.21 0.50 2.17
C3' JMH A 6 0.95 -0.41 2.65
C4 JMH A 6 -1.36 -0.58 -2.55
C4' JMH A 6 2.20 0.36 2.21
C5' JMH A 6 3.45 -0.52 1.96
C6 JMH A 6 0.41 -0.52 -0.90
C31 JMH A 6 -3.28 0.94 -2.42
N3 JMH A 6 -1.98 0.44 -1.89
N4 JMH A 6 -1.88 -1.15 -3.69
O2 JMH A 6 -2.01 2.02 -0.17
O2' JMH A 6 -0.53 1.55 3.13
O3' JMH A 6 0.97 -0.64 4.08
O4' JMH A 6 1.81 1.03 1.00
O5' JMH A 6 3.14 -1.52 0.96
OP1 JMH A 6 5.28 -2.78 1.55
OP2 JMH A 6 3.75 -3.75 -0.29
P JMH A 6 4.26 -2.48 0.32
H1 JMH A 6 0.33 -1.91 -2.56
H2 JMH A 6 0.13 2.21 0.88
H3 JMH A 6 -1.09 -0.11 1.95
H4 JMH A 6 0.91 -1.35 2.10
H6 JMH A 6 2.44 1.11 2.98
H7 JMH A 6 4.27 0.13 1.64
H8 JMH A 6 3.74 -1.01 2.91
H9 JMH A 6 1.33 -0.92 -0.48
H10 JMH A 6 -3.10 1.63 -3.26
H11 JMH A 6 -3.82 1.48 -1.64
H12 JMH A 6 -3.93 0.11 -2.73
H13 JMH A 6 -2.58 -0.64 -4.22
H16 JMH A 6 -0.98 1.09 3.90
H42 JMH A 6 -1.28 -1.77 -4.23
N1 JMH A 6 0.16 0.57 -0.26
C2 JMH A 6 -1.11 1.06 -0.61
C5 JMH A 6 0.21 -1.03 -2.03
C1' JMH A 6 0.79 1.18 0.91
C2' JMH A 6 0.30 0.49 2.23
C3' JMH A 6 1.60 -0.11 2.81
C4 JMH A 6 -1.04 -0.58 -2.44
C4' JMH A 6 2.65 0.89 2.36
C5' JMH A 6 4.14 0.45 2.51
C6 JMH A 6 0.81 -0.44 -0.90
C31 JMH A 6 -3.02 0.86 -2.16
N3 JMH A 6 -1.66 0.42 -1.74
N4 JMH A 6 -1.61 -1.17 -3.56
O2 JMH A 6 -1.65 1.97 -0.01
O2' JMH A 6 -0.27 1.49 3.10
O3' JMH A 6 1.63 -0.27 4.25
O4' JMH A 6 2.25 1.13 0.99
O5' JMH A 6 4.76 0.07 1.27
OP1 JMH A 6 5.77 -2.23 1.45
OP2 JMH A 6 3.32 -2.10 0.64
P JMH A 6 4.63 -1.42 0.63
H1 JMH A 6 0.70 -1.83 -2.57
H2 JMH A 6 0.53 2.23 0.95
H3 JMH A 6 -0.42 -0.31 2.00
H4 JMH A 6 1.78 -1.08 2.33
H6 JMH A 6 2.51 1.81 2.94
H7 JMH A 6 4.69 1.31 2.92
H8 JMH A 6 4.21 -0.34 3.26
H9 JMH A 6 1.79 -0.79 -0.53
H10 JMH A 6 -3.54 1.37 -1.34
H11 JMH A 6 -2.94 1.54 -3.02
H12 JMH A 6 -3.64 -0.02 -2.43
H13 JMH A 6 -1.00 -1.75 -4.12
H16 JMH A 6 -0.57 1.03 3.94
H42 JMH A 6 -2.34 -0.67 -4.06
N1 JMH A 6 -0.36 0.47 -0.59
C2 JMH A 6 -1.52 1.06 -1.09
C5 JMH A 6 -0.24 -1.14 -2.34
C1' JMH A 6 0.23 1.08 0.62
C2' JMH A 6 -0.42 0.49 1.91
C3' JMH A 6 0.70 -0.41 2.48
C4 JMH A 6 -1.39 -0.60 -2.91
C4' JMH A 6 1.99 0.31 2.05
C5' JMH A 6 3.21 -0.63 1.86
C6 JMH A 6 0.28 -0.61 -1.14
C31 JMH A 6 -3.25 1.01 -2.86
N3 JMH A 6 -2.00 0.46 -2.27
N4 JMH A 6 -1.86 -1.12 -4.09
O2 JMH A 6 -2.06 2.02 -0.56
O2' JMH A 6 -0.76 1.58 2.79
O3' JMH A 6 0.65 -0.55 3.93
O4' JMH A 6 1.66 0.93 0.79
O5' JMH A 6 2.92 -1.64 0.87
OP1 JMH A 6 5.03 -2.93 1.46
OP2 JMH A 6 3.55 -3.82 -0.46
P JMH A 6 4.05 -2.58 0.21
H1 JMH A 6 0.24 -1.99 -2.83
H2 JMH A 6 0.05 2.16 0.57
H3 JMH A 6 -1.29 -0.12 1.66
H4 JMH A 6 0.64 -1.39 1.99
H6 JMH A 6 2.22 1.08 2.79
H7 JMH A 6 4.08 -0.01 1.56
H8 JMH A 6 3.46 -1.10 2.83
H9 JMH A 6 1.18 -1.02 -0.67
H10 JMH A 6 -3.00 1.78 -3.60
H11 JMH A 6 -3.87 1.47 -2.08
H12 JMH A 6 -3.87 0.23 -3.31
H13 JMH A 6 -2.48 -0.55 -4.65
H16 JMH A 6 -1.23 1.18 3.58
H42 JMH A 6 -1.23 -1.74 -4.60
N1 JMH A 6 -0.17 0.51 0.03
C2 JMH A 6 -1.36 1.19 -0.25
C5 JMH A 6 -0.35 -0.92 -1.85
C1' JMH A 6 0.55 0.94 1.25
C2' JMH A 6 -0.03 0.21 2.50
C3' JMH A 6 1.05 -0.84 2.79
C4 JMH A 6 -1.53 -0.28 -2.21
C4' JMH A 6 2.36 -0.14 2.40
C5' JMH A 6 3.52 -1.09 2.00
C6 JMH A 6 0.34 -0.53 -0.69
C31 JMH A 6 -3.29 1.38 -1.80
N3 JMH A 6 -2.01 0.72 -1.42
N4 JMH A 6 -2.17 -0.69 -3.36
O2 JMH A 6 -1.79 2.09 0.45
O2' JMH A 6 -0.19 1.14 3.59
O3' JMH A 6 1.08 -1.29 4.17
O4' JMH A 6 1.98 0.68 1.27
O5' JMH A 6 3.07 -1.97 0.96
OP1 JMH A 6 5.17 -3.39 1.24
OP2 JMH A 6 3.51 -4.03 -0.61
P JMH A 6 4.11 -2.89 0.12
H1 JMH A 6 0.02 -1.74 -2.46
H2 JMH A 6 0.43 2.02 1.37
H3 JMH A 6 -0.97 -0.28 2.24
H4 JMH A 6 0.89 -1.70 2.12
H6 JMH A 6 2.68 0.50 3.23
H7 JMH A 6 4.36 -0.47 1.65
H8 JMH A 6 3.85 -1.66 2.88
H9 JMH A 6 1.26 -1.04 -0.37
H10 JMH A 6 -4.06 0.63 -2.03
H11 JMH A 6 -3.13 2.03 -2.67
H12 JMH A 6 -3.70 1.98 -0.98
H13 JMH A 6 -2.90 -0.09 -3.75
H16 JMH A 6 -0.72 0.68 4.30
H42 JMH A 6 -1.66 -1.28 -4.01
N1 JMH A 6 -0.76 0.78 -0.55
C2 JMH A 6 -1.92 1.47 -0.97
C5 JMH A 6 -0.77 -0.73 -2.38
C1' JMH A 6 -0.11 1.28 0.67
C2' JMH A 6 -0.76 0.68 1.94
C3' JMH A 6 0.28 -0.34 2.42
C4 JMH A 6 -1.92 -0.10 -2.86
C4' JMH A 6 1.62 0.29 2.02
C5' JMH A 6 2.77 -0.71 1.77
C6 JMH A 6 -0.19 -0.28 -1.19
C31 JMH A 6 -3.73 1.55 -2.65
N3 JMH A 6 -2.47 0.94 -2.16
N4 JMH A 6 -2.45 -0.57 -4.05
O2 JMH A 6 -2.39 2.41 -0.35
O2' JMH A 6 -0.99 1.71 2.91
O3' JMH A 6 0.25 -0.63 3.84
O4' JMH A 6 1.31 1.01 0.80
O5' JMH A 6 2.38 -1.63 0.74
OP1 JMH A 6 4.35 -3.17 1.30
OP2 JMH A 6 2.83 -3.80 -0.67
P JMH A 6 3.44 -2.65 0.06
H1 JMH A 6 -0.33 -1.54 -2.95
H2 JMH A 6 -0.21 2.37 0.69
H3 JMH A 6 -1.69 0.17 1.67
H4 JMH A 6 0.15 -1.27 1.85
H6 JMH A 6 1.90 1.01 2.80
H7 JMH A 6 3.68 -0.16 1.50
H8 JMH A 6 2.98 -1.25 2.71
H9 JMH A 6 0.69 -0.78 -0.77
H10 JMH A 6 -3.51 2.31 -3.40
H11 JMH A 6 -4.26 2.02 -1.83
H12 JMH A 6 -4.40 0.79 -3.06
H13 JMH A 6 -1.90 -1.23 -4.59
H16 JMH A 6 -1.51 1.32 3.67
H42 JMH A 6 -3.11 0.02 -4.57
N1 JMH A 6 0.14 0.98 -0.30
C2 JMH A 6 -1.06 1.57 -0.74
C5 JMH A 6 -0.04 -0.87 -1.78
C1' JMH A 6 0.89 1.73 0.73
C2' JMH A 6 0.32 1.41 2.13
C3' JMH A 6 1.36 0.43 2.71
C4 JMH A 6 -1.27 -0.37 -2.23
C4' JMH A 6 2.68 0.96 2.12
C5' JMH A 6 3.81 -0.10 1.94
C6 JMH A 6 0.65 -0.20 -0.76
C31 JMH A 6 -3.02 1.38 -2.21
N3 JMH A 6 -1.74 0.80 -1.71
N4 JMH A 6 -1.97 -1.11 -3.16
O2 JMH A 6 -1.48 2.62 -0.29
O2' JMH A 6 0.21 2.63 2.89
O3' JMH A 6 1.39 0.41 4.16
O4' JMH A 6 2.31 1.48 0.83
O5' JMH A 6 3.38 -1.16 1.07
OP1 JMH A 6 5.50 -2.50 1.55
OP2 JMH A 6 3.79 -3.48 -0.08
P JMH A 6 4.40 -2.21 0.39
H1 JMH A 6 0.35 -1.80 -2.18
H2 JMH A 6 0.76 2.81 0.53
H3 JMH A 6 -0.65 0.90 2.04
H4 JMH A 6 1.18 -0.58 2.32
H6 JMH A 6 3.03 1.78 2.76
H7 JMH A 6 4.69 0.41 1.53
H8 JMH A 6 4.08 -0.50 2.93
H9 JMH A 6 1.58 -0.59 -0.34
H10 JMH A 6 -2.82 2.31 -2.74
H11 JMH A 6 -3.67 1.64 -1.35
H12 JMH A 6 -3.57 0.71 -2.86
H13 JMH A 6 -1.48 -1.91 -3.53
H16 JMH A 6 -0.57 3.15 2.55
H42 JMH A 6 -2.93 -1.32 -2.90
N1 JMH A 6 -0.18 0.12 -0.60
C2 JMH A 6 -1.19 0.92 -1.16
C5 JMH A 6 -0.19 -1.44 -2.38
C1' JMH A 6 0.34 0.57 0.70
C2' JMH A 6 -0.51 -0.03 1.86
C3' JMH A 6 0.38 -1.22 2.32
C4 JMH A 6 -1.21 -0.71 -3.00
C4' JMH A 6 1.79 -0.60 2.22
C5' JMH A 6 2.96 -1.60 2.06
C6 JMH A 6 0.34 -1.02 -1.15
C31 JMH A 6 -2.71 1.23 -3.09
N3 JMH A 6 -1.66 0.43 -2.40
N4 JMH A 6 -1.72 -1.18 -4.19
O2 JMH A 6 -1.62 1.93 -0.62
O2' JMH A 6 -0.70 0.99 2.86
O3' JMH A 6 0.03 -1.88 3.59
O4' JMH A 6 1.71 0.21 1.02
O5' JMH A 6 2.72 -2.45 0.91
OP1 JMH A 6 4.92 -3.67 1.27
OP2 JMH A 6 3.54 -4.25 -0.82
P JMH A 6 3.93 -3.14 0.10
H1 JMH A 6 0.19 -2.34 -2.87
H2 JMH A 6 0.29 1.67 0.74
H3 JMH A 6 -1.45 -0.41 1.47
H4 JMH A 6 0.30 -1.98 1.55
H6 JMH A 6 1.98 0.05 3.08
H7 JMH A 6 3.89 -1.03 1.94
H8 JMH A 6 3.05 -2.22 2.97
H9 JMH A 6 1.12 -1.58 -0.63
H10 JMH A 6 -2.69 2.27 -2.75
H11 JMH A 6 -3.70 0.81 -2.89
H12 JMH A 6 -2.54 1.26 -4.18
H13 JMH A 6 -1.41 -2.09 -4.50
H16 JMH A 6 -1.34 0.65 3.54
H42 JMH A 6 -2.66 -0.91 -4.46
N1 JMH A 6 -0.39 0.86 -0.18
C2 JMH A 6 -1.57 1.55 -0.54
C5 JMH A 6 -0.49 -0.60 -2.05
C1' JMH A 6 0.32 1.35 1.01
C2' JMH A 6 -0.29 0.71 2.29
C3' JMH A 6 0.79 -0.31 2.72
C4 JMH A 6 -1.65 0.03 -2.47
C4' JMH A 6 2.10 0.36 2.27
C5' JMH A 6 3.26 -0.63 1.96
C6 JMH A 6 0.16 -0.19 -0.87
C31 JMH A 6 -3.44 1.69 -2.14
N3 JMH A 6 -2.17 1.05 -1.71
N4 JMH A 6 -2.24 -0.40 -3.64
O2 JMH A 6 -2.02 2.47 0.13
O2' JMH A 6 -0.51 1.73 3.28
O3' JMH A 6 0.82 -0.58 4.14
O4' JMH A 6 1.75 1.09 1.07
O5' JMH A 6 2.84 -1.55 0.92
OP1 JMH A 6 4.87 -3.03 1.42
OP2 JMH A 6 3.26 -3.73 -0.46
P JMH A 6 3.88 -2.57 0.22
H1 JMH A 6 -0.08 -1.42 -2.64
H2 JMH A 6 0.21 2.44 1.06
H3 JMH A 6 -1.21 0.18 2.05
H4 JMH A 6 0.65 -1.24 2.16
H6 JMH A 6 2.42 1.08 3.04
H7 JMH A 6 4.14 -0.05 1.64
H8 JMH A 6 3.51 -1.17 2.87
H9 JMH A 6 1.06 -0.68 -0.51
H10 JMH A 6 -4.13 0.96 -2.59
H11 JMH A 6 -3.25 2.50 -2.86
H12 JMH A 6 -3.97 2.11 -1.28
H13 JMH A 6 -2.93 0.20 -4.09
H16 JMH A 6 -0.98 1.31 4.05
H42 JMH A 6 -1.72 -1.02 -4.24
N1 JMH A 6 -0.28 0.71 -0.44
C2 JMH A 6 -1.32 1.56 -0.86
C5 JMH A 6 -0.57 -0.80 -2.23
C1' JMH A 6 0.41 1.11 0.79
C2' JMH A 6 -0.43 0.71 2.05
C3' JMH A 6 0.49 -0.35 2.71
C4 JMH A 6 -1.65 -0.04 -2.69
C4' JMH A 6 1.88 0.23 2.43
C5' JMH A 6 3.08 -0.70 2.73
C6 JMH A 6 0.10 -0.43 -1.06
C31 JMH A 6 -3.08 1.97 -2.53
N3 JMH A 6 -1.98 1.11 -2.02
N4 JMH A 6 -2.34 -0.49 -3.80
O2 JMH A 6 -1.64 2.59 -0.27
O2' JMH A 6 -0.65 1.89 2.84
O3' JMH A 6 0.20 -0.74 4.09
O4' JMH A 6 1.74 0.56 1.04
O5' JMH A 6 3.91 -0.96 1.56
OP1 JMH A 6 4.49 -3.38 1.36
OP2 JMH A 6 2.22 -2.66 0.38
P JMH A 6 3.63 -2.23 0.61
H1 JMH A 6 -0.28 -1.70 -2.78
H2 JMH A 6 0.54 2.21 0.78
H3 JMH A 6 -1.37 0.25 1.75
H4 JMH A 6 0.41 -1.26 2.10
H6 JMH A 6 2.02 1.16 3.00
H7 JMH A 6 3.70 -0.21 3.50
H8 JMH A 6 2.73 -1.65 3.17
H9 JMH A 6 0.90 -1.05 -0.65
H10 JMH A 6 -3.96 1.88 -1.89
H11 JMH A 6 -3.35 1.74 -3.57
H12 JMH A 6 -2.76 3.01 -2.53
H13 JMH A 6 -2.08 -1.39 -4.16
H16 JMH A 6 -1.13 1.62 3.68
H42 JMH A 6 -3.34 -0.28 -3.83
N1 JMH A 6 -0.77 0.84 -0.38
C2 JMH A 6 -1.91 1.57 -0.73
C5 JMH A 6 -0.88 -0.60 -2.26
C1' JMH A 6 -0.10 1.27 0.87
C2' JMH A 6 -0.82 0.61 2.07
C3' JMH A 6 0.13 -0.55 2.43
C4 JMH A 6 -2.03 0.08 -2.68
C4' JMH A 6 1.52 0.08 2.19
C5' JMH A 6 2.66 -0.92 1.92
C6 JMH A 6 -0.24 -0.22 -1.06
C31 JMH A 6 -3.79 1.74 -2.33
N3 JMH A 6 -2.52 1.09 -1.92
N4 JMH A 6 -2.61 -0.34 -3.87
O2 JMH A 6 -2.37 2.49 -0.06
O2' JMH A 6 -0.98 1.60 3.10
O3' JMH A 6 -0.06 -1.24 3.71
O4' JMH A 6 1.30 0.90 1.01
O5' JMH A 6 2.29 -1.79 0.81
OP1 JMH A 6 4.27 -3.31 1.34
OP2 JMH A 6 2.79 -3.91 -0.66
P JMH A 6 3.36 -2.77 0.11
H1 JMH A 6 -0.48 -1.43 -2.85
H2 JMH A 6 -0.17 2.36 0.94
H3 JMH A 6 -1.79 0.21 1.76
H4 JMH A 6 -0.01 -1.32 1.65
H6 JMH A 6 1.78 0.73 3.03
H7 JMH A 6 3.56 -0.35 1.68
H8 JMH A 6 2.86 -1.51 2.82
H9 JMH A 6 0.63 -0.75 -0.68
H10 JMH A 6 -4.27 2.23 -1.47
H11 JMH A 6 -4.51 1.00 -2.70
H12 JMH A 6 -3.59 2.50 -3.11
H13 JMH A 6 -2.08 -0.94 -4.48
H16 JMH A 6 -1.39 1.17 3.90
H42 JMH A 6 -3.30 0.26 -4.31
N1 JMH A 6 -0.47 0.21 -0.58
C2 JMH A 6 -1.62 0.89 -1.02
C5 JMH A 6 -0.34 -1.17 -2.50
C1' JMH A 6 0.04 0.62 0.74
C2' JMH A 6 -0.75 -0.08 1.90
C3' JMH A 6 0.34 -0.90 2.62
C4 JMH A 6 -1.47 -0.53 -3.02
C4' JMH A 6 1.59 -0.03 2.41
C5' JMH A 6 2.96 -0.71 2.73
C6 JMH A 6 0.17 -0.79 -1.25
C31 JMH A 6 -3.30 1.08 -2.81
N3 JMH A 6 -2.08 0.44 -2.27
N4 JMH A 6 -1.92 -0.91 -4.27
O2 JMH A 6 -2.15 1.80 -0.39
O2' JMH A 6 -1.32 0.92 2.75
O3' JMH A 6 0.09 -1.15 4.03
O4' JMH A 6 1.44 0.35 1.02
O5' JMH A 6 3.77 -0.94 1.54
OP1 JMH A 6 4.58 -3.29 1.46
OP2 JMH A 6 2.26 -2.84 0.40
P JMH A 6 3.62 -2.27 0.65
H1 JMH A 6 0.15 -1.96 -3.07
H2 JMH A 6 -0.09 1.70 0.85
H3 JMH A 6 -1.52 -0.75 1.49
H4 JMH A 6 0.48 -1.86 2.08
H6 JMH A 6 1.48 0.85 3.06
H7 JMH A 6 3.51 -0.04 3.40
H8 JMH A 6 2.79 -1.65 3.27
H9 JMH A 6 1.02 -1.29 -0.81
H10 JMH A 6 -3.03 1.89 -3.49
H11 JMH A 6 -3.90 1.50 -2.00
H12 JMH A 6 -3.95 0.35 -3.31
H13 JMH A 6 -2.50 -0.27 -4.78
H16 JMH A 6 -1.79 0.45 3.50
H42 JMH A 6 -1.28 -1.47 -4.83
N1 JMH A 6 -0.35 1.34 -0.63
C2 JMH A 6 -1.43 2.05 -1.17
C5 JMH A 6 -0.59 -0.48 -2.15
C1' JMH A 6 0.37 1.98 0.49
C2' JMH A 6 -0.32 1.65 1.84
C3' JMH A 6 0.61 0.59 2.44
C4 JMH A 6 -1.69 0.16 -2.71
C4' JMH A 6 2.00 1.05 1.97
C5' JMH A 6 3.07 -0.07 1.87
C6 JMH A 6 0.09 0.12 -1.07
C31 JMH A 6 -3.22 2.10 -2.87
N3 JMH A 6 -2.08 1.38 -2.24
N4 JMH A 6 -2.37 -0.50 -3.72
O2 JMH A 6 -1.78 3.14 -0.75
O2' JMH A 6 -0.38 2.85 2.64
O3' JMH A 6 0.55 0.50 3.89
O4' JMH A 6 1.76 1.62 0.67
O5' JMH A 6 2.62 -1.10 0.97
OP1 JMH A 6 4.53 -2.63 1.73
OP2 JMH A 6 2.91 -3.50 -0.07
P JMH A 6 3.59 -2.28 0.45
H1 JMH A 6 -0.25 -1.44 -2.53
H2 JMH A 6 0.35 3.07 0.32
H3 JMH A 6 -1.32 1.22 1.67
H4 JMH A 6 0.38 -0.38 1.99
H6 JMH A 6 2.35 1.83 2.66
H7 JMH A 6 4.01 0.38 1.53
H8 JMH A 6 3.24 -0.49 2.87
H9 JMH A 6 0.93 -0.38 -0.57
H10 JMH A 6 -4.13 1.98 -2.28
H11 JMH A 6 -3.40 1.75 -3.90
H12 JMH A 6 -3.02 3.17 -2.94
H13 JMH A 6 -2.03 -1.43 -3.94
H16 JMH A 6 -1.15 3.41 2.33
H42 JMH A 6 -3.38 -0.42 -3.69
N1 JMH A 6 -0.93 0.21 -1.12
C2 JMH A 6 -1.87 1.08 -1.70
C5 JMH A 6 -0.87 -1.23 -3.00
C1' JMH A 6 -0.45 0.58 0.22
C2' JMH A 6 -1.48 0.18 1.32
C3' JMH A 6 -0.66 -0.76 2.24
C4 JMH A 6 -1.82 -0.43 -3.64
C4' JMH A 6 0.78 -0.24 2.05
C5' JMH A 6 1.91 -1.22 2.51
C6 JMH A 6 -0.44 -0.91 -1.70
C31 JMH A 6 -3.34 1.49 -3.64
N3 JMH A 6 -2.30 0.67 -2.97
N4 JMH A 6 -2.23 -0.78 -4.91
O2 JMH A 6 -2.29 2.07 -1.13
O2' JMH A 6 -1.91 1.37 2.03
O3' JMH A 6 -1.07 -0.77 3.63
O4' JMH A 6 0.80 0.01 0.65
O5' JMH A 6 2.95 -1.32 1.50
OP1 JMH A 6 3.78 -3.65 1.24
OP2 JMH A 6 1.63 -3.07 -0.03
P JMH A 6 2.93 -2.53 0.43
H1 JMH A 6 -0.48 -2.11 -3.52
H2 JMH A 6 -0.32 1.67 0.24
H3 JMH A 6 -2.33 -0.37 0.89
H4 JMH A 6 -0.71 -1.77 1.82
H6 JMH A 6 0.88 0.71 2.60
H7 JMH A 6 2.34 -0.84 3.45
H8 JMH A 6 1.48 -2.21 2.73
H9 JMH A 6 0.27 -1.55 -1.17
H10 JMH A 6 -2.90 2.09 -4.44
H11 JMH A 6 -3.83 2.16 -2.93
H12 JMH A 6 -4.13 0.84 -4.07
H13 JMH A 6 -1.72 -1.52 -5.38
H16 JMH A 6 -2.60 1.07 2.70
H42 JMH A 6 -2.69 -0.09 -5.49
N1 JMH A 6 -0.89 1.09 -0.73
C2 JMH A 6 -2.10 1.75 -0.99
C5 JMH A 6 -1.01 -0.26 -2.69
C1' JMH A 6 -0.16 1.50 0.48
C2' JMH A 6 -0.76 0.86 1.76
C3' JMH A 6 0.44 0.12 2.40
C4 JMH A 6 -2.22 0.35 -3.01
C4' JMH A 6 1.62 0.97 1.91
C5' JMH A 6 3.06 0.40 2.08
C6 JMH A 6 -0.33 0.11 -1.52
C31 JMH A 6 -4.02 1.94 -2.50
N3 JMH A 6 -2.73 1.31 -2.17
N4 JMH A 6 -2.84 -0.02 -4.18
O2 JMH A 6 -2.55 2.63 -0.28
O2' JMH A 6 -1.27 1.90 2.63
O3' JMH A 6 0.42 0.01 3.83
O4' JMH A 6 1.26 1.22 0.55
O5' JMH A 6 3.27 -1.00 1.81
OP1 JMH A 6 3.63 -3.19 0.82
OP2 JMH A 6 1.64 -2.01 -0.07
P JMH A 6 3.03 -1.74 0.39
H1 JMH A 6 -0.60 -1.02 -3.35
H2 JMH A 6 -0.24 2.60 0.57
H3 JMH A 6 -1.55 0.13 1.50
H4 JMH A 6 0.49 -0.88 1.93
H6 JMH A 6 1.59 1.92 2.47
H7 JMH A 6 3.74 1.01 1.48
H8 JMH A 6 3.36 0.58 3.12
H9 JMH A 6 0.62 -0.33 -1.24
H10 JMH A 6 -4.54 2.21 -1.58
H11 JMH A 6 -4.68 1.25 -3.04
H12 JMH A 6 -3.84 2.85 -3.09
H13 JMH A 6 -2.32 -0.59 -4.83
H16 JMH A 6 -1.61 1.47 3.46
H42 JMH A 6 -3.56 0.58 -4.58
N1 JMH A 6 -0.87 0.95 -0.33
C2 JMH A 6 -1.99 1.75 -0.65
C5 JMH A 6 -0.99 -0.33 -2.33
C1' JMH A 6 -0.20 1.28 0.94
C2' JMH A 6 -0.90 0.53 2.12
C3' JMH A 6 0.10 -0.58 2.49
C4 JMH A 6 -2.10 0.42 -2.71
C4' JMH A 6 1.46 0.07 2.18
C5' JMH A 6 2.59 -0.95 1.84
C6 JMH A 6 -0.37 -0.06 -1.09
C31 JMH A 6 -3.79 2.17 -2.28
N3 JMH A 6 -2.57 1.41 -1.88
N4 JMH A 6 -2.66 0.14 -3.93
O2 JMH A 6 -2.40 2.64 0.07
O2' JMH A 6 -1.10 1.47 3.20
O3' JMH A 6 0.03 -1.00 3.88
O4' JMH A 6 1.20 0.90 1.02
O5' JMH A 6 2.18 -1.77 0.74
OP1 JMH A 6 4.06 -3.42 1.25
OP2 JMH A 6 2.59 -3.86 -0.81
P JMH A 6 3.21 -2.80 0.02
H1 JMH A 6 -0.62 -1.11 -2.97
H2 JMH A 6 -0.25 2.36 1.10
H3 JMH A 6 -1.85 0.09 1.79
H4 JMH A 6 -0.06 -1.43 1.82
H6 JMH A 6 1.75 0.69 3.02
H7 JMH A 6 3.51 -0.39 1.62
H8 JMH A 6 2.78 -1.56 2.73
H9 JMH A 6 0.48 -0.65 -0.73
H10 JMH A 6 -3.49 3.08 -2.84
H11 JMH A 6 -4.47 1.58 -2.91
H12 JMH A 6 -4.35 2.49 -1.41
H13 JMH A 6 -3.30 0.82 -4.34
H16 JMH A 6 -1.63 1.00 3.92
H42 JMH A 6 -2.15 -0.43 -4.58
N1 JMH A 6 -0.71 0.46 -0.67
C2 JMH A 6 -1.82 1.17 -1.13
C5 JMH A 6 -0.51 -0.87 -2.63
C1' JMH A 6 -0.23 0.82 0.69
C2' JMH A 6 -1.01 0.01 1.77
C3' JMH A 6 0.11 -0.83 2.45
C4 JMH A 6 -1.61 -0.20 -3.17
C4' JMH A 6 1.31 0.10 2.32
C5' JMH A 6 2.71 -0.52 2.64
C6 JMH A 6 -0.05 -0.53 -1.34
C31 JMH A 6 -3.43 1.44 -2.98
N3 JMH A 6 -2.23 0.77 -2.41
N4 JMH A 6 -2.02 -0.53 -4.44
O2 JMH A 6 -2.38 2.05 -0.49
O2' JMH A 6 -1.62 0.94 2.70
O3' JMH A 6 -0.14 -1.18 3.82
O4' JMH A 6 1.18 0.60 0.97
O5' JMH A 6 3.49 -0.80 1.44
OP1 JMH A 6 4.23 -3.20 1.46
OP2 JMH A 6 2.01 -2.69 0.26
P JMH A 6 3.35 -2.15 0.59
H1 JMH A 6 -0.02 -1.64 -3.20
H2 JMH A 6 -0.40 1.89 0.83
H3 JMH A 6 -1.75 -0.65 1.31
H4 JMH A 6 0.28 -1.73 1.83
H6 JMH A 6 1.16 0.93 3.03
H7 JMH A 6 3.26 0.20 3.25
H8 JMH A 6 2.58 -1.43 3.23
H9 JMH A 6 0.80 -1.05 -0.88
H10 JMH A 6 -4.07 0.73 -3.53
H11 JMH A 6 -3.13 2.27 -3.62
H12 JMH A 6 -4.06 1.85 -2.18
H13 JMH A 6 -2.61 0.12 -4.94
H16 JMH A 6 -2.04 0.40 3.43
H42 JMH A 6 -1.38 -1.06 -5.01
N1 JMH A 6 -0.30 0.48 -0.36
C2 JMH A 6 -1.45 1.16 -0.76
C5 JMH A 6 -0.28 -0.99 -2.22
C1' JMH A 6 0.31 0.92 0.91
C2' JMH A 6 -0.40 0.24 2.13
C3' JMH A 6 0.72 -0.57 2.79
C4 JMH A 6 -1.44 -0.37 -2.69
C4' JMH A 6 1.95 0.30 2.49
C5' JMH A 6 3.35 -0.33 2.76
C6 JMH A 6 0.30 -0.56 -1.02
C31 JMH A 6 -3.25 1.26 -2.45
N3 JMH A 6 -1.99 0.64 -1.96
N4 JMH A 6 -2.00 -0.83 -3.88
O2 JMH A 6 -1.95 2.09 -0.14
O2' JMH A 6 -0.90 1.28 3.00
O3' JMH A 6 0.57 -0.81 4.22
O4' JMH A 6 1.72 0.66 1.12
O5' JMH A 6 4.08 -0.64 1.55
OP1 JMH A 6 4.85 -3.02 1.53
OP2 JMH A 6 2.50 -2.56 0.57
P JMH A 6 3.87 -2.01 0.73
H1 JMH A 6 0.17 -1.81 -2.78
H2 JMH A 6 0.19 2.01 0.99
H3 JMH A 6 -1.21 -0.43 1.80
H4 JMH A 6 0.83 -1.53 2.27
H6 JMH A 6 1.88 1.20 3.12
H7 JMH A 6 3.94 0.39 3.36
H8 JMH A 6 3.25 -1.23 3.38
H9 JMH A 6 1.19 -1.05 -0.62
H10 JMH A 6 -3.75 1.83 -1.66
H11 JMH A 6 -3.97 0.49 -2.77
H12 JMH A 6 -3.05 1.93 -3.29
H13 JMH A 6 -2.69 -0.26 -4.34
H16 JMH A 6 -1.32 0.83 3.79
H42 JMH A 6 -1.44 -1.43 -4.46
N1 JMH A 6 0.03 0.53 -0.16
C2 JMH A 6 -1.16 1.17 -0.53
C5 JMH A 6 -0.03 -1.00 -1.97
C1' JMH A 6 0.72 1.09 1.03
C2' JMH A 6 0.16 0.47 2.33
C3' JMH A 6 1.29 -0.50 2.76
C4 JMH A 6 -1.21 -0.39 -2.42
C4' JMH A 6 2.56 0.20 2.28
C5' JMH A 6 3.76 -0.73 1.94
C6 JMH A 6 0.60 -0.52 -0.80
C31 JMH A 6 -3.03 1.25 -2.15
N3 JMH A 6 -1.75 0.64 -1.69
N4 JMH A 6 -1.78 -0.87 -3.58
O2 JMH A 6 -1.64 2.10 0.11
O2' JMH A 6 -0.06 1.52 3.30
O3' JMH A 6 1.35 -0.74 4.20
O4' JMH A 6 2.15 0.90 1.08
O5' JMH A 6 3.35 -1.69 0.95
OP1 JMH A 6 5.53 -2.97 1.24
OP2 JMH A 6 3.88 -3.76 -0.58
P JMH A 6 4.42 -2.57 0.12
H1 JMH A 6 0.40 -1.83 -2.53
H2 JMH A 6 0.54 2.17 1.04
H3 JMH A 6 -0.75 -0.10 2.13
H4 JMH A 6 1.18 -1.45 2.22
H6 JMH A 6 2.88 0.93 3.04
H7 JMH A 6 4.60 -0.12 1.57
H8 JMH A 6 4.09 -1.24 2.85
H9 JMH A 6 1.53 -0.98 -0.43
H10 JMH A 6 -3.57 1.70 -1.30
H11 JMH A 6 -3.70 0.50 -2.59
H12 JMH A 6 -2.83 2.04 -2.88
H13 JMH A 6 -1.22 -1.50 -4.15
H16 JMH A 6 -0.52 1.10 4.08
H42 JMH A 6 -2.46 -0.29 -4.06
N1 JMH A 6 -0.95 0.76 -0.83
C2 JMH A 6 -1.98 1.61 -1.28
C5 JMH A 6 -1.01 -0.62 -2.75
C1' JMH A 6 -0.37 1.11 0.48
C2' JMH A 6 -1.29 0.66 1.65
C3' JMH A 6 -0.36 -0.27 2.49
C4 JMH A 6 -2.04 0.17 -3.27
C4' JMH A 6 1.02 0.32 2.22
C5' JMH A 6 2.22 -0.59 2.62
C6 JMH A 6 -0.47 -0.32 -1.49
C31 JMH A 6 -3.66 2.01 -3.04
N3 JMH A 6 -2.50 1.22 -2.53
N4 JMH A 6 -2.54 -0.14 -4.51
O2 JMH A 6 -2.40 2.57 -0.64
O2' JMH A 6 -1.70 1.83 2.39
O3' JMH A 6 -0.66 -0.30 3.91
O4' JMH A 6 0.95 0.58 0.81
O5' JMH A 6 3.09 -0.91 1.51
OP1 JMH A 6 3.54 -3.38 1.47
OP2 JMH A 6 1.43 -2.57 0.22
P JMH A 6 2.83 -2.20 0.59
H1 JMH A 6 -0.64 -1.48 -3.32
H2 JMH A 6 -0.26 2.20 0.52
H3 JMH A 6 -2.13 0.08 1.26
H4 JMH A 6 -0.40 -1.28 2.06
H6 JMH A 6 1.11 1.27 2.75
H7 JMH A 6 2.81 -0.06 3.38
H8 JMH A 6 1.84 -1.51 3.10
H9 JMH A 6 0.31 -0.94 -1.04
H10 JMH A 6 -4.31 1.42 -3.69
H11 JMH A 6 -3.32 2.91 -3.56
H12 JMH A 6 -4.29 2.34 -2.20
H13 JMH A 6 -3.06 0.57 -5.00
H16 JMH A 6 -2.54 1.59 2.88
H42 JMH A 6 -1.97 -0.76 -5.08
N1 JMH A 6 -0.04 0.44 -0.38
C2 JMH A 6 -1.24 1.10 -0.70
C5 JMH A 6 -0.18 -1.05 -2.22
C1' JMH A 6 0.67 0.93 0.82
C2' JMH A 6 0.01 0.37 2.12
C3' JMH A 6 1.17 -0.39 2.81
C4 JMH A 6 -1.36 -0.44 -2.60
C4' JMH A 6 2.40 0.41 2.35
C5' JMH A 6 3.78 -0.27 2.59
C6 JMH A 6 0.49 -0.61 -1.06
C31 JMH A 6 -3.17 1.20 -2.24
N3 JMH A 6 -1.87 0.58 -1.84
N4 JMH A 6 -2.00 -0.88 -3.74
O2 JMH A 6 -1.68 2.04 -0.06
O2' JMH A 6 -0.47 1.48 2.92
O3' JMH A 6 1.10 -0.43 4.26
O4' JMH A 6 2.08 0.61 0.95
O5' JMH A 6 4.49 -0.56 1.37
OP1 JMH A 6 5.27 -2.92 1.27
OP2 JMH A 6 2.87 -2.48 0.44
P JMH A 6 4.25 -1.91 0.53
H1 JMH A 6 0.21 -1.88 -2.80
H2 JMH A 6 0.60 2.03 0.83
H3 JMH A 6 -0.80 -0.33 1.88
H4 JMH A 6 1.21 -1.39 2.39
H6 JMH A 6 2.40 1.37 2.86
H7 JMH A 6 4.37 0.42 3.20
H8 JMH A 6 3.64 -1.19 3.17
H9 JMH A 6 1.42 -1.08 -0.72
H10 JMH A 6 -3.86 0.44 -2.62
H11 JMH A 6 -3.00 1.98 -2.98
H12 JMH A 6 -3.65 1.65 -1.36
H13 JMH A 6 -2.71 -0.31 -4.16
H16 JMH A 6 -0.86 1.12 3.76
H42 JMH A 6 -1.48 -1.49 -4.37
#